data_8UFK
#
_entry.id   8UFK
#
_cell.length_a   55.459
_cell.length_b   70.714
_cell.length_c   58.879
_cell.angle_alpha   90.000
_cell.angle_beta   113.997
_cell.angle_gamma   90.000
#
_symmetry.space_group_name_H-M   'P 1 21 1'
#
loop_
_entity.id
_entity.type
_entity.pdbx_description
1 polymer "DNA (5'-D(*AP*AP*TP*AP*AP*AP*AP*GP*CP*GP*GP*AP*AP*GP*TP*G)-3')"
2 polymer "DNA (5'-D(*TP*CP*AP*CP*TP*TP*CP*CP*GP*CP*TP*TP*TP*TP*AP*T)-3')"
3 polymer 'Transcription factor PU.1'
4 water water
#
loop_
_entity_poly.entity_id
_entity_poly.type
_entity_poly.pdbx_seq_one_letter_code
_entity_poly.pdbx_strand_id
1 'polydeoxyribonucleotide' (DA)(DA)(DT)(DA)(DA)(DA)(DA)(DG)(DC)(DG)(DG)(DA)(DA)(DG)(DT)(DG) A,C
2 'polydeoxyribonucleotide' (DT)(DC)(DA)(DC)(DT)(DT)(DC)(DC)(DG)(DC)(DT)(DT)(DT)(DT)(DA)(DT) B,D
3 'polypeptide(L)'
;GSKKKIRLYQFLLDLLRSGDMKDSIWWVDKDKGTFQFSSKHKEALAHRWGIQKGNRKKMTYQKMARALRNYGKTGEVKKV
KKKLTYQFSGEVLGRGGLAERRHPPH
;
E,F
#
loop_
_chem_comp.id
_chem_comp.type
_chem_comp.name
_chem_comp.formula
DA DNA linking 2'-DEOXYADENOSINE-5'-MONOPHOSPHATE 'C10 H14 N5 O6 P'
DC DNA linking 2'-DEOXYCYTIDINE-5'-MONOPHOSPHATE 'C9 H14 N3 O7 P'
DG DNA linking 2'-DEOXYGUANOSINE-5'-MONOPHOSPHATE 'C10 H14 N5 O7 P'
DT DNA linking THYMIDINE-5'-MONOPHOSPHATE 'C10 H15 N2 O8 P'
#
# COMPACT_ATOMS: atom_id res chain seq x y z
N LYS E 5 26.47 5.45 2.04
CA LYS E 5 25.68 4.74 1.04
C LYS E 5 25.83 5.36 -0.34
N ILE E 6 25.26 4.70 -1.34
CA ILE E 6 25.29 5.17 -2.72
C ILE E 6 24.07 6.04 -2.97
N ARG E 7 24.19 6.99 -3.88
CA ARG E 7 23.10 7.90 -4.22
C ARG E 7 22.38 7.40 -5.47
N LEU E 8 21.08 7.71 -5.52
CA LEU E 8 20.22 7.13 -6.56
C LEU E 8 20.72 7.45 -7.96
N TYR E 9 21.04 8.72 -8.23
CA TYR E 9 21.47 9.09 -9.58
C TYR E 9 22.75 8.38 -9.96
N GLN E 10 23.62 8.08 -8.99
CA GLN E 10 24.83 7.31 -9.30
C GLN E 10 24.50 5.85 -9.56
N PHE E 11 23.57 5.29 -8.79
CA PHE E 11 23.13 3.91 -9.02
C PHE E 11 22.60 3.73 -10.44
N LEU E 12 21.85 4.71 -10.93
CA LEU E 12 21.35 4.64 -12.31
C LEU E 12 22.47 4.84 -13.31
N LEU E 13 23.28 5.88 -13.13
CA LEU E 13 24.40 6.14 -14.03
C LEU E 13 25.30 4.92 -14.14
N ASP E 14 25.46 4.18 -13.04
CA ASP E 14 26.27 2.97 -13.08
C ASP E 14 25.69 1.94 -14.04
N LEU E 15 24.42 1.59 -13.85
CA LEU E 15 23.78 0.59 -14.71
C LEU E 15 23.88 0.97 -16.18
N LEU E 16 23.60 2.23 -16.50
CA LEU E 16 23.63 2.66 -17.90
C LEU E 16 25.01 2.47 -18.51
N ARG E 17 26.05 2.88 -17.80
CA ARG E 17 27.40 2.71 -18.31
C ARG E 17 27.86 1.26 -18.25
N SER E 18 27.25 0.45 -17.39
CA SER E 18 27.57 -0.97 -17.27
C SER E 18 26.81 -1.83 -18.26
N GLY E 19 25.64 -1.38 -18.73
CA GLY E 19 24.74 -2.28 -19.42
C GLY E 19 24.23 -3.39 -18.54
N ASP E 20 24.20 -3.17 -17.23
CA ASP E 20 23.91 -4.25 -16.28
C ASP E 20 22.46 -4.72 -16.38
N MET E 21 21.53 -3.82 -16.75
CA MET E 21 20.11 -4.17 -16.87
C MET E 21 19.56 -3.54 -18.17
N LYS E 22 20.04 -4.03 -19.31
CA LYS E 22 19.62 -3.49 -20.58
C LYS E 22 18.14 -3.68 -20.85
N ASP E 23 17.50 -4.66 -20.20
CA ASP E 23 16.07 -4.86 -20.39
C ASP E 23 15.22 -3.84 -19.63
N SER E 24 15.78 -3.19 -18.62
CA SER E 24 15.03 -2.25 -17.78
C SER E 24 15.38 -0.79 -18.02
N ILE E 25 16.59 -0.50 -18.51
CA ILE E 25 17.04 0.88 -18.68
C ILE E 25 18.02 0.94 -19.83
N TRP E 26 18.06 2.08 -20.52
CA TRP E 26 18.90 2.26 -21.68
C TRP E 26 19.00 3.74 -22.03
N TRP E 27 20.13 4.13 -22.59
CA TRP E 27 20.29 5.48 -23.10
C TRP E 27 19.28 5.76 -24.21
N VAL E 28 18.87 7.02 -24.32
CA VAL E 28 18.09 7.50 -25.46
C VAL E 28 18.95 8.27 -26.44
N ASP E 29 19.74 9.21 -25.94
CA ASP E 29 20.77 9.90 -26.72
C ASP E 29 22.00 9.94 -25.81
N LYS E 30 22.80 8.87 -25.87
CA LYS E 30 23.95 8.75 -24.97
C LYS E 30 24.76 10.02 -24.88
N ASP E 31 24.85 10.78 -25.98
CA ASP E 31 25.60 12.03 -25.96
C ASP E 31 24.89 13.09 -25.13
N LYS E 32 23.59 13.28 -25.37
CA LYS E 32 22.83 14.30 -24.65
C LYS E 32 22.59 13.93 -23.19
N GLY E 33 22.79 12.67 -22.81
CA GLY E 33 22.58 12.25 -21.44
C GLY E 33 21.16 11.88 -21.08
N THR E 34 20.32 11.58 -22.06
CA THR E 34 18.94 11.17 -21.80
C THR E 34 18.87 9.65 -21.74
N PHE E 35 17.99 9.15 -20.87
CA PHE E 35 17.82 7.72 -20.68
C PHE E 35 16.37 7.43 -20.38
N GLN E 36 16.01 6.15 -20.45
CA GLN E 36 14.61 5.74 -20.42
C GLN E 36 14.47 4.40 -19.72
N PHE E 37 13.39 4.24 -18.97
CA PHE E 37 13.05 2.99 -18.32
C PHE E 37 12.09 2.18 -19.18
N SER E 38 12.10 0.86 -18.95
CA SER E 38 11.15 -0.02 -19.60
C SER E 38 9.83 -0.05 -18.83
N SER E 39 8.73 0.15 -19.55
CA SER E 39 7.42 0.14 -18.88
C SER E 39 7.16 -1.20 -18.21
N LYS E 40 7.62 -2.29 -18.81
CA LYS E 40 7.36 -3.62 -18.28
C LYS E 40 8.40 -4.08 -17.26
N HIS E 41 9.64 -3.61 -17.38
CA HIS E 41 10.74 -4.12 -16.60
C HIS E 41 11.27 -3.12 -15.58
N LYS E 42 10.64 -1.94 -15.44
CA LYS E 42 11.16 -0.92 -14.54
C LYS E 42 11.07 -1.37 -13.08
N GLU E 43 10.05 -2.16 -12.74
CA GLU E 43 9.88 -2.55 -11.34
C GLU E 43 11.06 -3.37 -10.84
N ALA E 44 11.62 -4.23 -11.70
CA ALA E 44 12.77 -5.03 -11.31
C ALA E 44 13.95 -4.15 -10.93
N LEU E 45 14.23 -3.12 -11.74
CA LEU E 45 15.30 -2.19 -11.42
C LEU E 45 14.99 -1.45 -10.12
N ALA E 46 13.74 -1.06 -9.92
CA ALA E 46 13.36 -0.37 -8.69
C ALA E 46 13.56 -1.29 -7.48
N HIS E 47 13.22 -2.58 -7.62
CA HIS E 47 13.41 -3.52 -6.54
C HIS E 47 14.88 -3.62 -6.16
N ARG E 48 15.76 -3.73 -7.16
CA ARG E 48 17.19 -3.82 -6.87
C ARG E 48 17.68 -2.62 -6.08
N TRP E 49 17.15 -1.42 -6.39
CA TRP E 49 17.56 -0.23 -5.66
C TRP E 49 17.17 -0.33 -4.20
N GLY E 50 15.94 -0.77 -3.91
CA GLY E 50 15.52 -0.92 -2.52
C GLY E 50 16.35 -1.93 -1.76
N ILE E 51 16.73 -3.03 -2.43
CA ILE E 51 17.51 -4.06 -1.77
C ILE E 51 18.93 -3.57 -1.54
N GLN E 52 19.53 -2.92 -2.54
CA GLN E 52 20.85 -2.34 -2.37
C GLN E 52 20.87 -1.32 -1.23
N LYS E 53 19.77 -0.60 -1.02
CA LYS E 53 19.67 0.38 0.06
C LYS E 53 19.32 -0.26 1.40
N GLY E 54 18.70 -1.44 1.39
CA GLY E 54 18.29 -2.04 2.64
C GLY E 54 17.06 -1.40 3.26
N ASN E 55 16.21 -0.77 2.45
CA ASN E 55 15.04 -0.09 2.98
C ASN E 55 14.09 -1.08 3.63
N ARG E 56 13.21 -0.56 4.48
CA ARG E 56 12.30 -1.42 5.22
C ARG E 56 11.35 -2.18 4.28
N LYS E 57 10.67 -1.44 3.41
CA LYS E 57 9.72 -2.02 2.46
C LYS E 57 10.37 -2.09 1.08
N LYS E 58 9.74 -2.87 0.20
CA LYS E 58 10.31 -3.07 -1.13
C LYS E 58 10.10 -1.83 -2.00
N MET E 59 11.12 -1.51 -2.78
CA MET E 59 11.12 -0.29 -3.58
C MET E 59 10.35 -0.49 -4.88
N THR E 60 9.55 0.50 -5.23
CA THR E 60 8.78 0.51 -6.48
C THR E 60 9.28 1.66 -7.36
N TYR E 61 8.98 1.55 -8.66
CA TYR E 61 9.35 2.63 -9.57
C TYR E 61 8.66 3.94 -9.20
N GLN E 62 7.43 3.85 -8.67
CA GLN E 62 6.74 5.06 -8.24
C GLN E 62 7.51 5.77 -7.14
N LYS E 63 7.91 5.03 -6.09
CA LYS E 63 8.69 5.66 -5.02
C LYS E 63 10.05 6.11 -5.53
N MET E 64 10.68 5.33 -6.42
CA MET E 64 11.97 5.72 -6.95
C MET E 64 11.86 7.01 -7.76
N ALA E 65 10.88 7.07 -8.66
CA ALA E 65 10.66 8.29 -9.43
C ALA E 65 10.33 9.46 -8.52
N ARG E 66 9.67 9.20 -7.39
CA ARG E 66 9.41 10.27 -6.43
C ARG E 66 10.72 10.86 -5.91
N ALA E 67 11.72 10.01 -5.70
CA ALA E 67 13.04 10.51 -5.32
C ALA E 67 13.67 11.30 -6.45
N LEU E 68 13.60 10.77 -7.68
CA LEU E 68 14.21 11.46 -8.82
C LEU E 68 13.67 12.87 -8.97
N ARG E 69 12.37 13.06 -8.75
CA ARG E 69 11.78 14.38 -8.98
C ARG E 69 12.41 15.44 -8.08
N ASN E 70 12.88 15.06 -6.90
CA ASN E 70 13.54 16.03 -6.03
C ASN E 70 14.85 16.53 -6.61
N TYR E 71 15.45 15.80 -7.55
CA TYR E 71 16.65 16.26 -8.23
C TYR E 71 16.39 17.44 -9.16
N GLY E 72 15.12 17.73 -9.47
CA GLY E 72 14.83 18.81 -10.39
C GLY E 72 15.34 20.15 -9.91
N LYS E 73 15.16 20.46 -8.62
CA LYS E 73 15.58 21.75 -8.09
C LYS E 73 17.10 21.91 -8.16
N THR E 74 17.83 20.82 -7.94
CA THR E 74 19.29 20.89 -7.87
C THR E 74 19.97 20.55 -9.20
N GLY E 75 19.26 19.95 -10.14
CA GLY E 75 19.76 19.80 -11.49
C GLY E 75 20.36 18.46 -11.82
N GLU E 76 20.62 17.60 -10.82
CA GLU E 76 21.25 16.31 -11.11
C GLU E 76 20.49 15.56 -12.19
N VAL E 77 19.17 15.49 -12.07
CA VAL E 77 18.33 14.74 -12.99
C VAL E 77 17.05 15.53 -13.21
N LYS E 78 16.77 15.86 -14.47
CA LYS E 78 15.56 16.57 -14.85
C LYS E 78 14.68 15.64 -15.68
N LYS E 79 13.38 15.86 -15.60
CA LYS E 79 12.42 15.03 -16.33
C LYS E 79 12.27 15.52 -17.77
N VAL E 80 12.37 14.60 -18.71
CA VAL E 80 12.13 14.90 -20.11
C VAL E 80 10.68 14.58 -20.40
N LYS E 81 10.08 15.35 -21.31
CA LYS E 81 8.66 15.18 -21.62
C LYS E 81 8.44 14.01 -22.56
N LYS E 82 8.98 12.84 -22.21
CA LYS E 82 8.82 11.64 -23.01
C LYS E 82 8.69 10.49 -22.02
N LYS E 83 7.77 9.57 -22.29
CA LYS E 83 7.36 8.59 -21.29
C LYS E 83 8.56 7.86 -20.70
N LEU E 84 8.68 7.92 -19.37
CA LEU E 84 9.69 7.18 -18.62
C LEU E 84 11.10 7.62 -18.97
N THR E 85 11.27 8.87 -19.39
CA THR E 85 12.55 9.39 -19.85
C THR E 85 13.02 10.51 -18.93
N TYR E 86 14.31 10.50 -18.62
CA TYR E 86 14.95 11.50 -17.78
C TYR E 86 16.25 11.94 -18.45
N GLN E 87 16.94 12.89 -17.82
CA GLN E 87 18.18 13.42 -18.37
C GLN E 87 19.16 13.76 -17.25
N PHE E 88 20.37 13.22 -17.35
CA PHE E 88 21.46 13.63 -16.47
C PHE E 88 21.98 14.99 -16.88
N SER E 89 22.48 15.73 -15.89
CA SER E 89 23.15 16.99 -16.16
C SER E 89 24.55 16.74 -16.69
N GLY E 90 25.17 17.81 -17.21
CA GLY E 90 26.55 17.71 -17.66
C GLY E 90 27.50 17.40 -16.51
N GLU E 91 27.30 18.05 -15.37
CA GLU E 91 28.19 17.84 -14.23
C GLU E 91 28.19 16.39 -13.81
N VAL E 92 27.03 15.74 -13.81
CA VAL E 92 26.94 14.35 -13.40
C VAL E 92 27.69 13.45 -14.39
N LEU E 93 27.65 13.79 -15.68
CA LEU E 93 28.31 12.96 -16.68
C LEU E 93 29.79 13.27 -16.80
N GLY E 94 30.12 14.54 -17.04
CA GLY E 94 31.50 14.95 -17.21
C GLY E 94 31.62 16.44 -17.49
N LYS F 5 -6.19 -1.36 25.56
CA LYS F 5 -6.55 -0.86 24.24
C LYS F 5 -7.90 -1.40 23.80
N ILE F 6 -8.40 -0.91 22.67
CA ILE F 6 -9.66 -1.37 22.12
C ILE F 6 -9.40 -2.52 21.16
N ARG F 7 -10.30 -3.48 21.15
CA ARG F 7 -10.23 -4.64 20.28
C ARG F 7 -11.21 -4.49 19.13
N LEU F 8 -10.87 -5.11 17.99
CA LEU F 8 -11.69 -4.95 16.78
C LEU F 8 -13.14 -5.32 17.05
N TYR F 9 -13.38 -6.47 17.68
CA TYR F 9 -14.75 -6.91 17.90
C TYR F 9 -15.53 -5.92 18.76
N GLN F 10 -14.85 -5.22 19.67
CA GLN F 10 -15.52 -4.19 20.46
C GLN F 10 -15.82 -2.95 19.62
N PHE F 11 -14.88 -2.58 18.74
CA PHE F 11 -15.14 -1.49 17.81
C PHE F 11 -16.40 -1.75 16.99
N LEU F 12 -16.59 -3.01 16.56
CA LEU F 12 -17.78 -3.36 15.81
C LEU F 12 -19.02 -3.33 16.69
N LEU F 13 -18.95 -3.99 17.86
CA LEU F 13 -20.08 -3.99 18.77
C LEU F 13 -20.51 -2.58 19.15
N ASP F 14 -19.55 -1.66 19.25
CA ASP F 14 -19.87 -0.27 19.57
C ASP F 14 -20.73 0.36 18.48
N LEU F 15 -20.24 0.34 17.24
CA LEU F 15 -21.01 0.93 16.15
C LEU F 15 -22.41 0.32 16.06
N LEU F 16 -22.50 -1.01 16.19
CA LEU F 16 -23.79 -1.68 16.08
C LEU F 16 -24.76 -1.18 17.15
N ARG F 17 -24.29 -1.06 18.39
CA ARG F 17 -25.14 -0.54 19.45
C ARG F 17 -25.34 0.95 19.35
N SER F 18 -24.45 1.67 18.66
CA SER F 18 -24.61 3.10 18.49
C SER F 18 -25.52 3.46 17.33
N GLY F 19 -25.61 2.58 16.33
CA GLY F 19 -26.21 2.99 15.07
C GLY F 19 -25.43 4.10 14.39
N ASP F 20 -24.15 4.24 14.73
CA ASP F 20 -23.37 5.39 14.27
C ASP F 20 -23.12 5.32 12.77
N MET F 21 -23.05 4.11 12.21
CA MET F 21 -22.86 3.93 10.78
C MET F 21 -23.81 2.83 10.31
N LYS F 22 -25.12 3.10 10.41
CA LYS F 22 -26.11 2.12 10.03
C LYS F 22 -26.05 1.80 8.54
N ASP F 23 -25.48 2.70 7.74
CA ASP F 23 -25.36 2.46 6.30
C ASP F 23 -24.26 1.47 5.95
N SER F 24 -23.32 1.23 6.87
CA SER F 24 -22.19 0.34 6.61
C SER F 24 -22.30 -1.01 7.30
N ILE F 25 -23.02 -1.10 8.40
CA ILE F 25 -23.13 -2.33 9.17
C ILE F 25 -24.46 -2.33 9.89
N TRP F 26 -24.99 -3.52 10.15
CA TRP F 26 -26.31 -3.64 10.76
C TRP F 26 -26.50 -5.05 11.29
N TRP F 27 -27.27 -5.16 12.36
CA TRP F 27 -27.67 -6.47 12.86
C TRP F 27 -28.49 -7.20 11.81
N VAL F 28 -28.38 -8.52 11.80
CA VAL F 28 -29.25 -9.38 11.02
C VAL F 28 -30.27 -10.07 11.93
N ASP F 29 -29.80 -10.66 13.03
CA ASP F 29 -30.64 -11.20 14.09
C ASP F 29 -30.02 -10.76 15.42
N LYS F 30 -30.35 -9.54 15.83
CA LYS F 30 -29.77 -8.97 17.05
C LYS F 30 -29.80 -9.95 18.21
N ASP F 31 -30.84 -10.79 18.27
CA ASP F 31 -30.94 -11.77 19.35
C ASP F 31 -29.87 -12.85 19.21
N LYS F 32 -29.73 -13.41 18.00
CA LYS F 32 -28.73 -14.45 17.76
C LYS F 32 -27.31 -13.89 17.76
N GLY F 33 -27.15 -12.56 17.66
CA GLY F 33 -25.84 -11.97 17.63
C GLY F 33 -25.20 -11.90 16.26
N THR F 34 -25.98 -12.02 15.20
CA THR F 34 -25.46 -11.97 13.84
C THR F 34 -25.57 -10.54 13.29
N PHE F 35 -24.57 -10.18 12.48
CA PHE F 35 -24.51 -8.84 11.90
C PHE F 35 -23.88 -8.95 10.51
N GLN F 36 -24.00 -7.86 9.74
CA GLN F 36 -23.67 -7.90 8.32
C GLN F 36 -23.13 -6.55 7.89
N PHE F 37 -22.13 -6.58 7.01
CA PHE F 37 -21.58 -5.36 6.42
C PHE F 37 -22.26 -5.06 5.09
N SER F 38 -22.22 -3.79 4.70
CA SER F 38 -22.72 -3.38 3.40
C SER F 38 -21.66 -3.64 2.34
N SER F 39 -22.05 -4.32 1.27
CA SER F 39 -21.09 -4.58 0.20
C SER F 39 -20.54 -3.28 -0.37
N LYS F 40 -21.39 -2.26 -0.47
CA LYS F 40 -20.99 -1.01 -1.08
C LYS F 40 -20.29 -0.05 -0.12
N HIS F 41 -20.62 -0.12 1.18
CA HIS F 41 -20.16 0.86 2.15
C HIS F 41 -19.21 0.27 3.19
N LYS F 42 -18.82 -1.00 3.08
CA LYS F 42 -17.98 -1.60 4.10
C LYS F 42 -16.60 -0.96 4.14
N GLU F 43 -16.11 -0.49 2.99
CA GLU F 43 -14.77 0.09 2.96
C GLU F 43 -14.69 1.33 3.84
N ALA F 44 -15.75 2.14 3.86
CA ALA F 44 -15.78 3.31 4.72
C ALA F 44 -15.65 2.92 6.18
N LEU F 45 -16.38 1.89 6.61
CA LEU F 45 -16.28 1.42 7.99
C LEU F 45 -14.87 0.90 8.26
N ALA F 46 -14.28 0.19 7.29
CA ALA F 46 -12.91 -0.29 7.47
C ALA F 46 -11.93 0.86 7.59
N HIS F 47 -12.13 1.92 6.80
CA HIS F 47 -11.26 3.09 6.89
C HIS F 47 -11.30 3.70 8.29
N ARG F 48 -12.51 3.84 8.85
CA ARG F 48 -12.63 4.42 10.19
C ARG F 48 -11.90 3.56 11.22
N TRP F 49 -11.94 2.23 11.06
CA TRP F 49 -11.22 1.37 11.98
C TRP F 49 -9.72 1.62 11.93
N GLY F 50 -9.17 1.74 10.73
CA GLY F 50 -7.74 2.01 10.60
C GLY F 50 -7.36 3.34 11.22
N ILE F 51 -8.24 4.34 11.10
CA ILE F 51 -7.93 5.66 11.63
C ILE F 51 -7.97 5.65 13.15
N GLN F 52 -8.98 4.99 13.74
CA GLN F 52 -9.01 4.87 15.20
C GLN F 52 -7.75 4.20 15.71
N LYS F 53 -7.16 3.28 14.94
CA LYS F 53 -5.95 2.59 15.36
C LYS F 53 -4.69 3.40 15.09
N GLY F 54 -4.73 4.33 14.13
CA GLY F 54 -3.55 5.10 13.79
C GLY F 54 -2.50 4.33 13.01
N ASN F 55 -2.90 3.28 12.30
CA ASN F 55 -1.94 2.45 11.57
C ASN F 55 -1.28 3.24 10.45
N ARG F 56 -0.13 2.72 10.00
CA ARG F 56 0.65 3.41 8.98
C ARG F 56 -0.13 3.57 7.70
N LYS F 57 -0.71 2.47 7.19
CA LYS F 57 -1.47 2.48 5.96
C LYS F 57 -2.96 2.54 6.28
N LYS F 58 -3.75 2.89 5.27
CA LYS F 58 -5.18 2.99 5.47
C LYS F 58 -5.78 1.59 5.48
N MET F 59 -6.78 1.39 6.32
CA MET F 59 -7.37 0.07 6.52
C MET F 59 -8.38 -0.24 5.43
N THR F 60 -8.33 -1.48 4.94
CA THR F 60 -9.25 -2.00 3.94
C THR F 60 -10.11 -3.10 4.55
N TYR F 61 -11.26 -3.36 3.92
CA TYR F 61 -12.11 -4.44 4.43
C TYR F 61 -11.40 -5.78 4.31
N GLN F 62 -10.58 -5.96 3.28
CA GLN F 62 -9.82 -7.20 3.15
C GLN F 62 -8.95 -7.44 4.37
N LYS F 63 -8.15 -6.43 4.76
CA LYS F 63 -7.29 -6.57 5.92
C LYS F 63 -8.11 -6.72 7.19
N MET F 64 -9.23 -6.01 7.29
CA MET F 64 -10.08 -6.12 8.48
C MET F 64 -10.66 -7.52 8.59
N ALA F 65 -11.23 -8.04 7.49
CA ALA F 65 -11.74 -9.41 7.51
C ALA F 65 -10.64 -10.41 7.81
N ARG F 66 -9.40 -10.11 7.40
CA ARG F 66 -8.29 -10.97 7.77
C ARG F 66 -8.10 -11.02 9.27
N ALA F 67 -8.26 -9.88 9.95
CA ALA F 67 -8.20 -9.86 11.41
C ALA F 67 -9.34 -10.64 12.02
N LEU F 68 -10.57 -10.44 11.51
CA LEU F 68 -11.73 -11.12 12.07
C LEU F 68 -11.54 -12.62 12.08
N ARG F 69 -10.90 -13.18 11.05
CA ARG F 69 -10.76 -14.62 10.97
C ARG F 69 -9.95 -15.17 12.15
N ASN F 70 -9.01 -14.39 12.68
CA ASN F 70 -8.24 -14.85 13.83
C ASN F 70 -9.10 -15.02 15.07
N TYR F 71 -10.26 -14.37 15.13
CA TYR F 71 -11.18 -14.58 16.25
C TYR F 71 -11.84 -15.95 16.22
N GLY F 72 -11.76 -16.68 15.11
CA GLY F 72 -12.43 -17.96 15.05
C GLY F 72 -11.94 -18.93 16.10
N LYS F 73 -10.62 -19.02 16.27
CA LYS F 73 -10.06 -19.96 17.23
C LYS F 73 -10.44 -19.60 18.66
N THR F 74 -10.59 -18.31 18.97
CA THR F 74 -10.90 -17.88 20.32
C THR F 74 -12.40 -17.69 20.57
N GLY F 75 -13.21 -17.61 19.51
CA GLY F 75 -14.65 -17.66 19.64
C GLY F 75 -15.36 -16.33 19.64
N GLU F 76 -14.64 -15.21 19.78
CA GLU F 76 -15.28 -13.91 19.87
C GLU F 76 -16.24 -13.68 18.70
N VAL F 77 -15.78 -13.94 17.48
CA VAL F 77 -16.55 -13.67 16.26
C VAL F 77 -16.29 -14.80 15.28
N LYS F 78 -17.36 -15.45 14.85
CA LYS F 78 -17.29 -16.54 13.86
C LYS F 78 -17.95 -16.11 12.57
N LYS F 79 -17.47 -16.68 11.46
CA LYS F 79 -18.00 -16.38 10.14
C LYS F 79 -19.24 -17.23 9.89
N VAL F 80 -20.31 -16.59 9.43
CA VAL F 80 -21.54 -17.28 9.06
C VAL F 80 -21.53 -17.55 7.56
N LYS F 81 -22.18 -18.63 7.16
CA LYS F 81 -22.24 -19.02 5.75
C LYS F 81 -23.23 -18.15 4.99
N LYS F 82 -23.09 -16.84 5.15
CA LYS F 82 -23.94 -15.84 4.52
C LYS F 82 -23.09 -14.62 4.18
N LYS F 83 -23.30 -14.08 2.99
CA LYS F 83 -22.41 -13.06 2.45
C LYS F 83 -22.21 -11.92 3.43
N LEU F 84 -20.95 -11.66 3.79
CA LEU F 84 -20.58 -10.51 4.61
C LEU F 84 -21.20 -10.57 6.01
N THR F 85 -21.47 -11.78 6.50
CA THR F 85 -22.20 -11.96 7.75
C THR F 85 -21.32 -12.66 8.78
N TYR F 86 -21.38 -12.17 10.01
CA TYR F 86 -20.61 -12.69 11.12
C TYR F 86 -21.53 -12.84 12.33
N GLN F 87 -20.99 -13.37 13.43
CA GLN F 87 -21.79 -13.58 14.62
C GLN F 87 -20.93 -13.37 15.87
N PHE F 88 -21.41 -12.52 16.77
CA PHE F 88 -20.78 -12.40 18.08
C PHE F 88 -21.16 -13.59 18.95
N SER F 89 -20.26 -13.95 19.86
CA SER F 89 -20.57 -14.96 20.86
C SER F 89 -21.44 -14.36 21.95
N GLY F 90 -22.02 -15.24 22.77
CA GLY F 90 -22.81 -14.78 23.90
C GLY F 90 -21.98 -14.00 24.90
N GLU F 91 -20.76 -14.48 25.18
CA GLU F 91 -19.91 -13.82 26.17
C GLU F 91 -19.64 -12.38 25.79
N VAL F 92 -19.39 -12.11 24.50
CA VAL F 92 -19.15 -10.75 24.05
C VAL F 92 -20.37 -9.88 24.27
N LEU F 93 -21.56 -10.45 24.14
CA LEU F 93 -22.80 -9.70 24.28
C LEU F 93 -23.17 -9.53 25.75
N GLY F 94 -23.17 -10.61 26.51
CA GLY F 94 -23.54 -10.55 27.91
C GLY F 94 -23.42 -11.88 28.63
N ARG F 95 -24.53 -12.60 28.77
CA ARG F 95 -24.52 -13.86 29.50
C ARG F 95 -25.28 -14.94 28.72
#